data_9M3R
#
_entry.id   9M3R
#
_cell.length_a   109.800
_cell.length_b   109.800
_cell.length_c   84.420
_cell.angle_alpha   90.00
_cell.angle_beta   90.00
_cell.angle_gamma   120.00
#
_symmetry.space_group_name_H-M   'P 64'
#
loop_
_entity.id
_entity.type
_entity.pdbx_description
1 polymer '[Pyruvate dehydrogenase (acetyl-transferring)] kinase isozyme 2, mitochondrial'
2 non-polymer 'SULFATE ION'
3 non-polymer 'N-(2-AMINOETHYL)-2-{3-CHLORO-4-[(4-ISOPROPYLBENZYL)OXY]PHENYL} ACETAMIDE'
4 non-polymer 1,2-ETHANEDIOL
5 non-polymer GLYCEROL
6 non-polymer '3-[4-[4-(ethylamino)-6-fluoranyl-2-oxidanylidene-3H-benzimidazol-1-yl]phenoxy]benzenesulfonyl fluoride'
7 water water
#
_entity_poly.entity_id   1
_entity_poly.type   'polypeptide(L)'
_entity_poly.pdbx_seq_one_letter_code
;PKYIEHFSKFSPSPLSMKQFLDFGSSNACEKTSFTFLRQELPVRLANIMKEINLLPDRVLSTPSVQLVQSWYVQSLLDIM
EFLDKDPEDHRTLSQFTDALVTIRNRHNDVVPTMAQGVLEYKDTYGDDPVSNQNIQYFLDRFYLSRISIRMLINQHTLIF
DGSTNPAHPKHIGSIDPNCNVSEVVKDAYDMAKLLCDKYYMASPDLEIQEINAANSKQPIHMVYVPSHLYHMLFELFKNA
MRATVESHESSLILPPIKVMVALGEEDLSIKMSDRGGGVPLRKIERLFSYMYSTAPTPQPGTGGTPLAGFGYGLPISRLY
AKYFQGDLQLFSMEGFGTDAVIYLKALSTDSVERLPVYNKSAWRHYQTIQEAGDWCVP
;
_entity_poly.pdbx_strand_id   A
#
# COMPACT_ATOMS: atom_id res chain seq x y z
N PRO A 1 -16.69 -22.85 -8.49
CA PRO A 1 -16.44 -23.01 -7.05
C PRO A 1 -17.52 -22.34 -6.21
N LYS A 2 -18.44 -23.14 -5.66
CA LYS A 2 -19.66 -22.56 -5.08
C LYS A 2 -19.38 -21.77 -3.80
N TYR A 3 -18.44 -22.24 -2.98
CA TYR A 3 -18.08 -21.51 -1.76
C TYR A 3 -17.49 -20.13 -2.10
N ILE A 4 -16.65 -20.07 -3.13
CA ILE A 4 -16.25 -18.78 -3.68
C ILE A 4 -17.46 -18.06 -4.25
N GLU A 5 -18.31 -18.80 -4.96
CA GLU A 5 -19.48 -18.18 -5.59
C GLU A 5 -20.40 -17.53 -4.56
N HIS A 6 -20.57 -18.19 -3.41
CA HIS A 6 -21.44 -17.65 -2.37
C HIS A 6 -20.95 -16.29 -1.88
N PHE A 7 -19.72 -16.23 -1.41
CA PHE A 7 -19.26 -14.99 -0.77
C PHE A 7 -18.99 -13.89 -1.79
N SER A 8 -18.65 -14.26 -3.02
CA SER A 8 -18.40 -13.26 -4.04
C SER A 8 -19.65 -12.48 -4.40
N LYS A 9 -20.84 -12.99 -4.07
CA LYS A 9 -22.08 -12.26 -4.30
C LYS A 9 -22.26 -11.09 -3.34
N PHE A 10 -21.57 -11.09 -2.21
CA PHE A 10 -21.58 -9.95 -1.31
C PHE A 10 -20.53 -8.94 -1.76
N SER A 11 -20.75 -7.68 -1.40
CA SER A 11 -19.60 -6.84 -1.68
C SER A 11 -18.89 -6.49 -0.37
N PRO A 12 -17.58 -6.25 -0.41
CA PRO A 12 -16.88 -5.85 0.82
C PRO A 12 -17.54 -4.61 1.42
N SER A 13 -17.42 -4.48 2.74
CA SER A 13 -17.95 -3.33 3.46
C SER A 13 -16.79 -2.46 3.90
N PRO A 14 -16.50 -1.35 3.23
CA PRO A 14 -15.34 -0.54 3.61
C PRO A 14 -15.62 0.21 4.90
N LEU A 15 -14.60 0.23 5.77
CA LEU A 15 -14.70 0.86 7.08
C LEU A 15 -13.97 2.19 7.10
N SER A 16 -14.48 3.09 7.93
CA SER A 16 -13.80 4.35 8.15
C SER A 16 -12.75 4.19 9.25
N MET A 17 -11.79 5.11 9.24
CA MET A 17 -10.81 5.17 10.32
C MET A 17 -11.50 5.33 11.67
N LYS A 18 -12.55 6.16 11.72
CA LYS A 18 -13.34 6.29 12.94
C LYS A 18 -13.97 4.96 13.34
N GLN A 19 -14.45 4.19 12.36
CA GLN A 19 -15.04 2.88 12.66
C GLN A 19 -13.99 1.88 13.16
N PHE A 20 -12.76 1.98 12.65
CA PHE A 20 -11.70 1.14 13.18
C PHE A 20 -11.42 1.46 14.64
N LEU A 21 -11.43 2.75 14.99
CA LEU A 21 -11.15 3.13 16.36
C LEU A 21 -12.19 2.56 17.32
N ASP A 22 -13.46 2.56 16.91
CA ASP A 22 -14.51 2.04 17.79
C ASP A 22 -14.49 0.52 17.88
N PHE A 23 -13.81 -0.16 16.96
CA PHE A 23 -13.69 -1.61 17.04
C PHE A 23 -12.61 -2.04 18.02
N GLY A 24 -11.57 -1.22 18.21
CA GLY A 24 -10.54 -1.48 19.18
C GLY A 24 -10.62 -0.66 20.44
N SER A 25 -11.74 -0.02 20.73
CA SER A 25 -11.85 0.80 21.93
C SER A 25 -11.79 -0.05 23.20
N SER A 26 -12.20 -1.33 23.12
CA SER A 26 -12.20 -2.20 24.28
C SER A 26 -11.92 -3.63 23.83
N ASN A 27 -11.37 -4.42 24.76
CA ASN A 27 -11.16 -5.84 24.54
C ASN A 27 -12.44 -6.66 24.72
N ALA A 28 -13.55 -6.02 25.12
CA ALA A 28 -14.82 -6.72 25.17
C ALA A 28 -15.43 -6.89 23.78
N CYS A 29 -15.06 -6.01 22.84
CA CYS A 29 -15.50 -6.04 21.45
C CYS A 29 -14.95 -7.22 20.67
N GLU A 30 -14.21 -8.14 21.30
CA GLU A 30 -13.61 -9.25 20.56
C GLU A 30 -14.67 -10.12 19.91
N LYS A 31 -15.75 -10.42 20.64
CA LYS A 31 -16.86 -11.17 20.04
C LYS A 31 -17.41 -10.45 18.82
N THR A 32 -17.55 -9.13 18.91
CA THR A 32 -18.07 -8.36 17.78
C THR A 32 -17.10 -8.42 16.61
N SER A 33 -15.81 -8.31 16.88
CA SER A 33 -14.83 -8.39 15.81
C SER A 33 -14.83 -9.78 15.17
N PHE A 34 -14.97 -10.83 15.99
CA PHE A 34 -14.96 -12.19 15.47
C PHE A 34 -16.16 -12.46 14.56
N THR A 35 -17.37 -12.11 15.01
CA THR A 35 -18.53 -12.32 14.16
C THR A 35 -18.48 -11.44 12.91
N PHE A 36 -17.91 -10.23 13.02
CA PHE A 36 -17.76 -9.41 11.82
C PHE A 36 -16.76 -10.02 10.84
N LEU A 37 -15.57 -10.36 11.32
CA LEU A 37 -14.51 -10.81 10.42
C LEU A 37 -14.78 -12.20 9.83
N ARG A 38 -15.53 -13.06 10.53
CA ARG A 38 -15.74 -14.40 9.97
C ARG A 38 -16.67 -14.38 8.76
N GLN A 39 -17.43 -13.31 8.57
CA GLN A 39 -18.18 -13.04 7.35
C GLN A 39 -17.38 -12.16 6.37
N GLU A 40 -16.77 -11.09 6.87
CA GLU A 40 -16.15 -10.10 6.01
C GLU A 40 -14.88 -10.62 5.31
N LEU A 41 -14.03 -11.34 6.03
CA LEU A 41 -12.83 -11.89 5.38
C LEU A 41 -13.16 -12.85 4.25
N PRO A 42 -14.10 -13.79 4.39
CA PRO A 42 -14.47 -14.62 3.23
C PRO A 42 -15.04 -13.81 2.09
N VAL A 43 -15.79 -12.76 2.40
CA VAL A 43 -16.31 -11.87 1.36
C VAL A 43 -15.16 -11.22 0.60
N ARG A 44 -14.16 -10.71 1.32
CA ARG A 44 -13.05 -10.05 0.62
C ARG A 44 -12.16 -11.05 -0.10
N LEU A 45 -11.92 -12.22 0.49
CA LEU A 45 -11.15 -13.25 -0.21
C LEU A 45 -11.85 -13.67 -1.49
N ALA A 46 -13.15 -13.99 -1.40
CA ALA A 46 -13.85 -14.52 -2.56
C ALA A 46 -13.95 -13.49 -3.68
N ASN A 47 -14.20 -12.21 -3.33
CA ASN A 47 -14.30 -11.20 -4.38
C ASN A 47 -13.02 -11.13 -5.20
N ILE A 48 -11.85 -11.17 -4.55
CA ILE A 48 -10.64 -11.07 -5.35
C ILE A 48 -10.33 -12.41 -6.03
N MET A 49 -10.70 -13.55 -5.44
CA MET A 49 -10.49 -14.81 -6.14
C MET A 49 -11.31 -14.87 -7.42
N LYS A 50 -12.54 -14.34 -7.40
CA LYS A 50 -13.35 -14.30 -8.62
C LYS A 50 -12.72 -13.42 -9.67
N GLU A 51 -12.09 -12.33 -9.27
CA GLU A 51 -11.45 -11.46 -10.24
C GLU A 51 -10.22 -12.13 -10.85
N ILE A 52 -9.49 -12.90 -10.04
CA ILE A 52 -8.33 -13.65 -10.55
C ILE A 52 -8.75 -14.61 -11.65
N ASN A 53 -9.98 -15.14 -11.60
CA ASN A 53 -10.43 -16.05 -12.66
C ASN A 53 -10.79 -15.34 -13.96
N LEU A 54 -11.04 -14.02 -13.92
CA LEU A 54 -11.25 -13.26 -15.14
C LEU A 54 -9.98 -13.12 -15.97
N LEU A 55 -8.81 -13.42 -15.39
CA LEU A 55 -7.57 -13.39 -16.14
C LEU A 55 -7.58 -14.44 -17.24
N PRO A 56 -6.98 -14.15 -18.39
CA PRO A 56 -6.93 -15.16 -19.47
C PRO A 56 -6.18 -16.40 -19.03
N ASP A 57 -6.51 -17.52 -19.68
CA ASP A 57 -5.92 -18.80 -19.27
C ASP A 57 -4.41 -18.77 -19.35
N ARG A 58 -3.85 -18.03 -20.31
CA ARG A 58 -2.39 -18.00 -20.43
C ARG A 58 -1.74 -17.27 -19.25
N VAL A 59 -2.50 -16.49 -18.49
CA VAL A 59 -2.01 -15.93 -17.22
C VAL A 59 -2.38 -16.84 -16.06
N LEU A 60 -3.62 -17.33 -16.08
CA LEU A 60 -4.15 -18.15 -15.01
C LEU A 60 -3.35 -19.44 -14.82
N SER A 61 -2.81 -20.01 -15.90
CA SER A 61 -2.11 -21.29 -15.80
C SER A 61 -0.62 -21.15 -15.56
N THR A 62 -0.14 -19.97 -15.20
CA THR A 62 1.28 -19.87 -14.86
C THR A 62 1.50 -20.26 -13.39
N PRO A 63 2.69 -20.73 -13.04
CA PRO A 63 2.89 -21.27 -11.67
C PRO A 63 2.67 -20.24 -10.58
N SER A 64 3.04 -18.98 -10.81
CA SER A 64 2.94 -18.01 -9.72
C SER A 64 1.48 -17.70 -9.40
N VAL A 65 0.62 -17.61 -10.41
CA VAL A 65 -0.79 -17.33 -10.13
C VAL A 65 -1.44 -18.53 -9.47
N GLN A 66 -1.12 -19.75 -9.94
CA GLN A 66 -1.63 -20.96 -9.30
C GLN A 66 -1.20 -21.02 -7.84
N LEU A 67 0.05 -20.66 -7.55
CA LEU A 67 0.53 -20.68 -6.17
C LEU A 67 -0.27 -19.72 -5.31
N VAL A 68 -0.43 -18.47 -5.76
CA VAL A 68 -1.18 -17.49 -4.99
C VAL A 68 -2.64 -17.91 -4.84
N GLN A 69 -3.25 -18.38 -5.94
CA GLN A 69 -4.61 -18.91 -5.88
C GLN A 69 -4.74 -20.01 -4.84
N SER A 70 -3.72 -20.87 -4.72
CA SER A 70 -3.81 -21.96 -3.75
C SER A 70 -3.78 -21.43 -2.32
N TRP A 71 -3.10 -20.32 -2.09
CA TRP A 71 -3.09 -19.70 -0.76
C TRP A 71 -4.46 -19.12 -0.41
N TYR A 72 -5.06 -18.36 -1.32
CA TYR A 72 -6.38 -17.78 -1.05
C TYR A 72 -7.43 -18.86 -0.81
N VAL A 73 -7.38 -19.94 -1.60
CA VAL A 73 -8.33 -21.02 -1.41
C VAL A 73 -8.20 -21.60 0.00
N GLN A 74 -6.96 -21.86 0.42
CA GLN A 74 -6.74 -22.43 1.75
C GLN A 74 -7.15 -21.45 2.83
N SER A 75 -6.75 -20.19 2.70
CA SER A 75 -7.11 -19.18 3.68
C SER A 75 -8.62 -19.07 3.82
N LEU A 76 -9.35 -19.15 2.70
CA LEU A 76 -10.80 -19.07 2.75
C LEU A 76 -11.38 -20.28 3.47
N LEU A 77 -10.84 -21.48 3.20
CA LEU A 77 -11.31 -22.68 3.87
C LEU A 77 -11.04 -22.64 5.36
N ASP A 78 -9.88 -22.12 5.76
CA ASP A 78 -9.57 -21.98 7.19
C ASP A 78 -10.63 -21.15 7.88
N ILE A 79 -11.02 -20.02 7.28
CA ILE A 79 -11.94 -19.12 7.96
C ILE A 79 -13.34 -19.71 8.03
N MET A 80 -13.84 -20.22 6.90
CA MET A 80 -15.23 -20.63 6.94
C MET A 80 -15.47 -21.86 7.82
N GLU A 81 -14.44 -22.39 8.50
CA GLU A 81 -14.68 -23.36 9.57
C GLU A 81 -15.42 -22.73 10.73
N PHE A 82 -15.10 -21.48 11.06
CA PHE A 82 -15.64 -20.80 12.23
C PHE A 82 -17.07 -20.32 12.04
N LEU A 83 -17.68 -20.57 10.88
CA LEU A 83 -18.99 -19.99 10.58
C LEU A 83 -20.09 -20.52 11.49
N ASP A 84 -19.95 -21.73 12.00
CA ASP A 84 -20.96 -22.30 12.89
C ASP A 84 -20.53 -22.30 14.36
N LYS A 85 -19.35 -21.79 14.68
CA LYS A 85 -18.84 -21.92 16.05
C LYS A 85 -19.39 -20.81 16.94
N ASP A 86 -19.27 -21.04 18.25
CA ASP A 86 -19.97 -20.23 19.25
C ASP A 86 -19.08 -19.09 19.70
N PRO A 87 -19.49 -17.83 19.52
CA PRO A 87 -18.64 -16.71 19.95
C PRO A 87 -18.51 -16.59 21.47
N GLU A 88 -19.43 -17.16 22.24
CA GLU A 88 -19.33 -17.10 23.70
C GLU A 88 -18.27 -18.03 24.26
N ASP A 89 -17.68 -18.88 23.42
CA ASP A 89 -16.64 -19.81 23.85
C ASP A 89 -15.27 -19.16 23.61
N HIS A 90 -14.55 -18.88 24.70
CA HIS A 90 -13.24 -18.25 24.58
C HIS A 90 -12.22 -19.14 23.90
N ARG A 91 -12.50 -20.44 23.76
CA ARG A 91 -11.66 -21.29 22.94
C ARG A 91 -11.86 -21.00 21.45
N THR A 92 -13.08 -20.68 21.04
CA THR A 92 -13.31 -20.29 19.66
C THR A 92 -12.61 -18.98 19.33
N LEU A 93 -12.59 -18.03 20.26
CA LEU A 93 -12.00 -16.73 19.98
C LEU A 93 -10.47 -16.82 19.85
N SER A 94 -9.83 -17.68 20.65
CA SER A 94 -8.38 -17.79 20.58
C SER A 94 -7.94 -18.61 19.37
N GLN A 95 -8.67 -19.68 19.05
CA GLN A 95 -8.39 -20.43 17.83
C GLN A 95 -8.60 -19.57 16.59
N PHE A 96 -9.48 -18.57 16.69
CA PHE A 96 -9.69 -17.67 15.56
C PHE A 96 -8.48 -16.77 15.34
N THR A 97 -7.98 -16.17 16.42
CA THR A 97 -6.76 -15.37 16.31
C THR A 97 -5.59 -16.20 15.77
N ASP A 98 -5.42 -17.42 16.29
CA ASP A 98 -4.40 -18.32 15.77
C ASP A 98 -4.55 -18.51 14.27
N ALA A 99 -5.79 -18.72 13.81
CA ALA A 99 -6.02 -18.94 12.38
C ALA A 99 -5.70 -17.69 11.56
N LEU A 100 -5.90 -16.50 12.13
CA LEU A 100 -5.62 -15.29 11.39
C LEU A 100 -4.12 -15.08 11.20
N VAL A 101 -3.33 -15.41 12.22
CA VAL A 101 -1.88 -15.30 12.12
C VAL A 101 -1.35 -16.25 11.05
N THR A 102 -1.88 -17.48 11.02
CA THR A 102 -1.46 -18.45 10.02
C THR A 102 -1.79 -17.96 8.62
N ILE A 103 -3.01 -17.43 8.42
CA ILE A 103 -3.38 -16.92 7.10
C ILE A 103 -2.47 -15.78 6.68
N ARG A 104 -2.20 -14.84 7.60
CA ARG A 104 -1.31 -13.73 7.26
C ARG A 104 0.06 -14.23 6.83
N ASN A 105 0.65 -15.16 7.60
CA ASN A 105 2.00 -15.63 7.29
C ASN A 105 2.03 -16.44 5.99
N ARG A 106 0.97 -17.19 5.71
CA ARG A 106 0.89 -17.97 4.47
C ARG A 106 1.01 -17.08 3.23
N HIS A 107 0.44 -15.88 3.29
CA HIS A 107 0.44 -14.96 2.16
C HIS A 107 1.63 -13.99 2.15
N ASN A 108 2.68 -14.25 2.93
CA ASN A 108 3.70 -13.22 3.13
C ASN A 108 4.51 -12.92 1.87
N ASP A 109 4.62 -13.90 0.96
CA ASP A 109 5.48 -13.80 -0.21
C ASP A 109 4.73 -13.42 -1.48
N VAL A 110 3.56 -12.80 -1.37
CA VAL A 110 2.71 -12.61 -2.54
C VAL A 110 3.35 -11.63 -3.52
N VAL A 111 3.99 -10.59 -3.00
CA VAL A 111 4.49 -9.51 -3.86
C VAL A 111 5.59 -10.04 -4.80
N PRO A 112 6.66 -10.67 -4.31
CA PRO A 112 7.64 -11.24 -5.25
C PRO A 112 7.09 -12.40 -6.08
N THR A 113 6.06 -13.10 -5.61
CA THR A 113 5.47 -14.16 -6.42
C THR A 113 4.76 -13.58 -7.64
N MET A 114 3.90 -12.59 -7.42
CA MET A 114 3.25 -11.90 -8.53
C MET A 114 4.25 -11.18 -9.42
N ALA A 115 5.32 -10.63 -8.85
CA ALA A 115 6.34 -9.98 -9.67
C ALA A 115 6.99 -10.99 -10.62
N GLN A 116 7.24 -12.20 -10.14
CA GLN A 116 7.77 -13.25 -11.01
C GLN A 116 6.81 -13.56 -12.15
N GLY A 117 5.50 -13.51 -11.88
CA GLY A 117 4.54 -13.72 -12.96
C GLY A 117 4.60 -12.62 -14.02
N VAL A 118 4.75 -11.37 -13.58
CA VAL A 118 4.89 -10.25 -14.51
C VAL A 118 6.13 -10.44 -15.39
N LEU A 119 7.27 -10.78 -14.75
CA LEU A 119 8.49 -11.05 -15.52
C LEU A 119 8.27 -12.13 -16.57
N GLU A 120 7.57 -13.21 -16.21
CA GLU A 120 7.35 -14.28 -17.16
C GLU A 120 6.50 -13.80 -18.34
N TYR A 121 5.44 -13.03 -18.05
CA TYR A 121 4.56 -12.58 -19.13
C TYR A 121 5.30 -11.68 -20.11
N LYS A 122 6.14 -10.77 -19.60
CA LYS A 122 6.95 -9.92 -20.47
C LYS A 122 7.77 -10.74 -21.46
N ASP A 123 8.33 -11.87 -21.02
CA ASP A 123 9.13 -12.69 -21.91
C ASP A 123 8.33 -13.76 -22.67
N THR A 124 7.18 -14.22 -22.14
CA THR A 124 6.44 -15.21 -22.90
C THR A 124 5.40 -14.60 -23.83
N TYR A 125 4.95 -13.38 -23.57
CA TYR A 125 3.96 -12.69 -24.41
C TYR A 125 4.28 -11.23 -24.72
N GLY A 126 5.19 -10.56 -24.01
CA GLY A 126 5.66 -9.25 -24.39
C GLY A 126 5.12 -8.15 -23.49
N ASP A 127 5.60 -6.94 -23.72
CA ASP A 127 5.18 -5.78 -22.93
C ASP A 127 4.62 -4.70 -23.86
N ASP A 128 3.45 -4.94 -24.39
CA ASP A 128 2.76 -3.92 -25.17
C ASP A 128 1.87 -3.09 -24.27
N PRO A 129 1.52 -1.87 -24.69
CA PRO A 129 0.70 -0.99 -23.83
C PRO A 129 -0.64 -1.59 -23.39
N VAL A 130 -1.26 -2.44 -24.21
CA VAL A 130 -2.55 -3.04 -23.80
C VAL A 130 -2.35 -4.06 -22.68
N SER A 131 -1.35 -4.95 -22.82
CA SER A 131 -0.99 -5.82 -21.72
C SER A 131 -0.66 -5.02 -20.45
N ASN A 132 0.10 -3.93 -20.60
CA ASN A 132 0.47 -3.12 -19.45
C ASN A 132 -0.75 -2.55 -18.74
N GLN A 133 -1.74 -2.07 -19.50
CA GLN A 133 -2.94 -1.51 -18.89
C GLN A 133 -3.71 -2.55 -18.10
N ASN A 134 -3.75 -3.79 -18.59
CA ASN A 134 -4.44 -4.83 -17.85
C ASN A 134 -3.68 -5.23 -16.59
N ILE A 135 -2.35 -5.29 -16.68
CA ILE A 135 -1.54 -5.57 -15.49
C ILE A 135 -1.74 -4.48 -14.44
N GLN A 136 -1.67 -3.20 -14.85
CA GLN A 136 -1.89 -2.09 -13.91
C GLN A 136 -3.24 -2.22 -13.23
N TYR A 137 -4.29 -2.41 -14.03
CA TYR A 137 -5.64 -2.47 -13.47
C TYR A 137 -5.75 -3.62 -12.49
N PHE A 138 -5.25 -4.79 -12.85
CA PHE A 138 -5.42 -5.96 -11.99
C PHE A 138 -4.58 -5.85 -10.72
N LEU A 139 -3.29 -5.52 -10.85
CA LEU A 139 -2.41 -5.52 -9.69
C LEU A 139 -2.76 -4.39 -8.72
N ASP A 140 -3.14 -3.21 -9.22
CA ASP A 140 -3.64 -2.17 -8.31
C ASP A 140 -4.79 -2.70 -7.45
N ARG A 141 -5.75 -3.39 -8.08
CA ARG A 141 -6.89 -3.89 -7.32
C ARG A 141 -6.50 -5.06 -6.43
N PHE A 142 -5.68 -5.98 -6.96
CA PHE A 142 -5.26 -7.12 -6.16
C PHE A 142 -4.46 -6.70 -4.94
N TYR A 143 -3.55 -5.73 -5.09
CA TYR A 143 -2.74 -5.32 -3.96
C TYR A 143 -3.55 -4.49 -2.96
N LEU A 144 -4.46 -3.64 -3.43
CA LEU A 144 -5.29 -2.90 -2.49
C LEU A 144 -6.18 -3.84 -1.69
N SER A 145 -6.75 -4.84 -2.36
CA SER A 145 -7.46 -5.91 -1.65
C SER A 145 -6.58 -6.54 -0.57
N ARG A 146 -5.34 -6.88 -0.94
CA ARG A 146 -4.44 -7.52 0.01
C ARG A 146 -4.13 -6.61 1.19
N ILE A 147 -3.91 -5.31 0.93
CA ILE A 147 -3.68 -4.35 2.00
C ILE A 147 -4.87 -4.29 2.95
N SER A 148 -6.09 -4.29 2.39
CA SER A 148 -7.29 -4.21 3.23
C SER A 148 -7.45 -5.45 4.09
N ILE A 149 -7.12 -6.63 3.54
CA ILE A 149 -7.24 -7.87 4.29
C ILE A 149 -6.21 -7.91 5.40
N ARG A 150 -4.99 -7.46 5.12
CA ARG A 150 -3.97 -7.40 6.17
C ARG A 150 -4.36 -6.39 7.25
N MET A 151 -4.91 -5.25 6.85
CA MET A 151 -5.38 -4.26 7.82
C MET A 151 -6.37 -4.90 8.81
N LEU A 152 -7.40 -5.58 8.29
CA LEU A 152 -8.38 -6.20 9.16
C LEU A 152 -7.73 -7.21 10.10
N ILE A 153 -6.82 -8.03 9.56
CA ILE A 153 -6.17 -9.04 10.39
C ILE A 153 -5.30 -8.39 11.46
N ASN A 154 -4.52 -7.38 11.07
CA ASN A 154 -3.67 -6.68 12.03
C ASN A 154 -4.49 -6.05 13.14
N GLN A 155 -5.62 -5.41 12.81
CA GLN A 155 -6.41 -4.77 13.85
C GLN A 155 -6.97 -5.79 14.84
N HIS A 156 -7.30 -6.98 14.38
CA HIS A 156 -7.79 -7.99 15.31
C HIS A 156 -6.67 -8.59 16.14
N THR A 157 -5.58 -9.03 15.49
CA THR A 157 -4.57 -9.79 16.21
C THR A 157 -3.74 -8.90 17.14
N LEU A 158 -3.56 -7.62 16.78
CA LEU A 158 -2.80 -6.71 17.61
C LEU A 158 -3.57 -6.29 18.86
N ILE A 159 -4.88 -6.12 18.74
CA ILE A 159 -5.69 -5.58 19.84
C ILE A 159 -6.11 -6.67 20.82
N PHE A 160 -6.57 -7.80 20.32
CA PHE A 160 -7.05 -8.89 21.17
C PHE A 160 -5.98 -9.96 21.35
N ASP A 161 -4.89 -9.53 22.00
CA ASP A 161 -3.73 -10.38 22.26
C ASP A 161 -3.86 -11.14 23.56
N GLY A 162 -4.25 -10.47 24.64
CA GLY A 162 -4.42 -11.10 25.94
C GLY A 162 -4.07 -10.18 27.10
N PRO A 169 -4.61 2.31 26.45
CA PRO A 169 -3.88 2.10 25.21
C PRO A 169 -3.92 3.31 24.26
N LYS A 170 -2.76 3.92 24.00
CA LYS A 170 -2.69 5.06 23.09
C LYS A 170 -2.86 4.61 21.65
N HIS A 171 -1.95 3.77 21.16
CA HIS A 171 -2.15 3.18 19.84
C HIS A 171 -3.30 2.19 19.89
N ILE A 172 -4.01 2.08 18.77
CA ILE A 172 -5.16 1.18 18.63
C ILE A 172 -4.82 0.20 17.53
N GLY A 173 -4.18 -0.90 17.89
CA GLY A 173 -3.66 -1.81 16.88
C GLY A 173 -2.64 -1.07 16.03
N SER A 174 -2.85 -1.05 14.72
CA SER A 174 -1.92 -0.37 13.82
C SER A 174 -2.26 1.12 13.62
N ILE A 175 -3.28 1.64 14.30
CA ILE A 175 -3.70 3.03 14.14
C ILE A 175 -3.15 3.86 15.30
N ASP A 176 -2.63 5.05 14.98
CA ASP A 176 -2.25 6.02 16.00
C ASP A 176 -3.24 7.17 15.91
N PRO A 177 -4.10 7.36 16.92
CA PRO A 177 -5.06 8.48 16.88
C PRO A 177 -4.41 9.85 17.05
N ASN A 178 -3.12 9.90 17.36
CA ASN A 178 -2.38 11.15 17.57
C ASN A 178 -1.04 11.07 16.88
N CYS A 179 -1.06 10.59 15.64
CA CYS A 179 0.16 10.45 14.86
C CYS A 179 0.78 11.81 14.56
N ASN A 180 1.98 12.01 15.09
CA ASN A 180 2.79 13.20 14.83
C ASN A 180 3.47 13.04 13.48
N VAL A 181 2.97 13.74 12.47
CA VAL A 181 3.41 13.45 11.11
C VAL A 181 4.90 13.75 10.92
N SER A 182 5.39 14.86 11.50
CA SER A 182 6.78 15.24 11.29
C SER A 182 7.73 14.23 11.91
N GLU A 183 7.31 13.58 12.98
CA GLU A 183 8.16 12.55 13.59
CA GLU A 183 8.16 12.56 13.59
C GLU A 183 8.28 11.33 12.68
N VAL A 184 7.20 10.95 12.00
CA VAL A 184 7.31 9.82 11.09
C VAL A 184 8.17 10.19 9.90
N VAL A 185 8.08 11.45 9.45
CA VAL A 185 8.96 11.94 8.40
C VAL A 185 10.42 11.80 8.80
N LYS A 186 10.75 12.22 10.03
CA LYS A 186 12.13 12.14 10.48
C LYS A 186 12.59 10.70 10.63
N ASP A 187 11.72 9.82 11.14
CA ASP A 187 12.08 8.40 11.27
C ASP A 187 12.45 7.81 9.92
N ALA A 188 11.60 8.05 8.92
CA ALA A 188 11.85 7.54 7.58
C ALA A 188 13.12 8.14 6.97
N TYR A 189 13.34 9.45 7.17
CA TYR A 189 14.55 10.08 6.67
C TYR A 189 15.77 9.46 7.30
N ASP A 190 15.74 9.28 8.63
CA ASP A 190 16.89 8.75 9.35
C ASP A 190 17.26 7.36 8.85
N MET A 191 16.26 6.52 8.59
CA MET A 191 16.55 5.19 8.07
C MET A 191 17.19 5.27 6.69
N ALA A 192 16.62 6.10 5.81
CA ALA A 192 17.16 6.23 4.47
C ALA A 192 18.57 6.80 4.49
N LYS A 193 18.82 7.76 5.39
CA LYS A 193 20.15 8.33 5.53
C LYS A 193 21.15 7.26 5.93
N LEU A 194 20.76 6.40 6.86
CA LEU A 194 21.63 5.31 7.30
C LEU A 194 22.04 4.44 6.12
N LEU A 195 21.09 4.08 5.25
CA LEU A 195 21.42 3.29 4.06
C LEU A 195 22.23 4.11 3.05
N CYS A 196 21.86 5.36 2.85
CA CYS A 196 22.50 6.16 1.83
C CYS A 196 23.95 6.45 2.19
N ASP A 197 24.22 6.77 3.46
CA ASP A 197 25.60 6.92 3.93
C ASP A 197 26.41 5.65 3.72
N LYS A 198 25.79 4.48 3.97
CA LYS A 198 26.49 3.21 3.86
C LYS A 198 26.96 2.95 2.43
N TYR A 199 26.06 3.12 1.46
CA TYR A 199 26.35 2.70 0.09
C TYR A 199 26.94 3.79 -0.78
N TYR A 200 26.63 5.06 -0.49
CA TYR A 200 27.10 6.17 -1.32
C TYR A 200 28.13 7.04 -0.62
N MET A 201 28.39 6.84 0.66
CA MET A 201 29.36 7.63 1.43
C MET A 201 28.96 9.09 1.51
N ALA A 202 27.65 9.36 1.45
CA ALA A 202 27.13 10.72 1.46
C ALA A 202 25.61 10.72 1.50
N SER A 203 25.02 11.78 2.02
CA SER A 203 23.57 11.83 2.09
C SER A 203 23.17 13.28 2.21
N PRO A 204 22.10 13.70 1.55
CA PRO A 204 21.58 15.04 1.76
C PRO A 204 21.02 15.19 3.17
N ASP A 205 21.02 16.44 3.64
CA ASP A 205 20.36 16.77 4.90
C ASP A 205 18.85 16.92 4.70
N LEU A 206 18.12 17.07 5.81
CA LEU A 206 16.66 17.20 5.80
C LEU A 206 16.25 18.57 6.30
N GLU A 207 15.29 19.21 5.63
CA GLU A 207 14.65 20.42 6.14
C GLU A 207 13.15 20.20 6.18
N ILE A 208 12.54 20.41 7.35
CA ILE A 208 11.09 20.24 7.51
C ILE A 208 10.47 21.56 7.93
N GLN A 209 9.33 21.90 7.33
CA GLN A 209 8.46 22.96 7.80
C GLN A 209 7.03 22.45 7.86
N GLU A 210 6.23 23.06 8.74
CA GLU A 210 4.82 22.74 8.86
C GLU A 210 3.99 24.00 8.64
N ILE A 211 2.82 23.86 8.01
CA ILE A 211 1.83 24.93 7.92
C ILE A 211 0.54 24.36 8.47
N ASN A 212 0.18 24.75 9.67
CA ASN A 212 -1.10 24.37 10.26
C ASN A 212 -2.01 25.58 10.08
N ALA A 213 -2.77 25.58 8.98
CA ALA A 213 -3.48 26.79 8.56
C ALA A 213 -4.45 27.26 9.64
N ALA A 214 -5.20 26.34 10.25
CA ALA A 214 -6.21 26.74 11.22
C ALA A 214 -5.62 27.07 12.58
N ASN A 215 -4.50 26.43 12.98
CA ASN A 215 -3.83 26.69 14.27
C ASN A 215 -2.32 26.79 14.03
N SER A 216 -1.82 28.01 13.79
CA SER A 216 -0.46 28.19 13.29
C SER A 216 0.61 27.68 14.26
N LYS A 217 0.33 27.61 15.55
CA LYS A 217 1.36 27.16 16.48
C LYS A 217 1.32 25.66 16.74
N GLN A 218 0.25 24.94 16.36
CA GLN A 218 0.10 23.57 16.83
C GLN A 218 0.86 22.60 15.93
N PRO A 219 1.74 21.78 16.50
CA PRO A 219 2.30 20.66 15.75
C PRO A 219 1.18 19.84 15.12
N ILE A 220 1.41 19.37 13.90
CA ILE A 220 0.37 18.74 13.10
C ILE A 220 0.27 17.26 13.48
N HIS A 221 -0.92 16.86 13.94
CA HIS A 221 -1.23 15.48 14.28
C HIS A 221 -2.44 15.05 13.47
N MET A 222 -2.62 13.73 13.33
CA MET A 222 -3.75 13.18 12.60
C MET A 222 -4.01 11.78 13.11
N VAL A 223 -5.17 11.23 12.73
CA VAL A 223 -5.45 9.81 12.92
C VAL A 223 -4.97 9.09 11.67
N TYR A 224 -4.04 8.14 11.82
CA TYR A 224 -3.57 7.40 10.66
C TYR A 224 -2.91 6.09 11.10
N VAL A 225 -2.48 5.32 10.10
CA VAL A 225 -1.71 4.09 10.27
C VAL A 225 -0.24 4.44 10.05
N PRO A 226 0.53 4.65 11.10
CA PRO A 226 1.87 5.23 10.89
C PRO A 226 2.79 4.33 10.09
N SER A 227 2.60 3.02 10.13
CA SER A 227 3.50 2.16 9.36
C SER A 227 3.29 2.34 7.86
N HIS A 228 2.05 2.60 7.42
CA HIS A 228 1.82 2.93 6.02
C HIS A 228 2.49 4.23 5.65
N LEU A 229 2.37 5.25 6.51
CA LEU A 229 2.97 6.54 6.21
C LEU A 229 4.49 6.43 6.17
N TYR A 230 5.06 5.64 7.07
CA TYR A 230 6.49 5.37 7.02
C TYR A 230 6.89 4.73 5.70
N HIS A 231 6.16 3.70 5.25
CA HIS A 231 6.50 3.01 3.99
C HIS A 231 6.58 3.99 2.83
N MET A 232 5.58 4.86 2.69
CA MET A 232 5.57 5.80 1.57
C MET A 232 6.75 6.76 1.67
N LEU A 233 6.94 7.38 2.83
CA LEU A 233 8.03 8.33 3.02
C LEU A 233 9.38 7.67 2.81
N PHE A 234 9.58 6.48 3.38
CA PHE A 234 10.86 5.79 3.22
C PHE A 234 11.18 5.57 1.74
N GLU A 235 10.18 5.10 0.98
CA GLU A 235 10.37 4.87 -0.46
C GLU A 235 10.71 6.17 -1.19
N LEU A 236 9.98 7.25 -0.88
CA LEU A 236 10.29 8.54 -1.51
C LEU A 236 11.69 9.03 -1.14
N PHE A 237 12.05 8.98 0.16
CA PHE A 237 13.37 9.42 0.60
C PHE A 237 14.48 8.64 -0.10
N LYS A 238 14.29 7.33 -0.26
CA LYS A 238 15.30 6.51 -0.92
C LYS A 238 15.54 6.99 -2.34
N ASN A 239 14.44 7.24 -3.08
CA ASN A 239 14.61 7.72 -4.45
C ASN A 239 15.22 9.11 -4.48
N ALA A 240 14.77 10.01 -3.60
CA ALA A 240 15.27 11.38 -3.63
C ALA A 240 16.74 11.47 -3.22
N MET A 241 17.20 10.60 -2.31
CA MET A 241 18.59 10.68 -1.87
C MET A 241 19.52 10.14 -2.95
N ARG A 242 19.18 8.97 -3.50
CA ARG A 242 19.98 8.40 -4.58
C ARG A 242 20.06 9.34 -5.77
N ALA A 243 18.92 9.95 -6.13
CA ALA A 243 18.92 10.92 -7.22
C ALA A 243 19.79 12.13 -6.89
N THR A 244 19.73 12.61 -5.65
CA THR A 244 20.54 13.79 -5.32
C THR A 244 22.03 13.46 -5.37
N VAL A 245 22.43 12.31 -4.82
CA VAL A 245 23.86 11.95 -4.80
C VAL A 245 24.37 11.72 -6.23
N GLU A 246 23.64 10.90 -7.00
CA GLU A 246 24.13 10.52 -8.32
C GLU A 246 24.19 11.69 -9.29
N SER A 247 23.30 12.68 -9.13
CA SER A 247 23.35 13.84 -10.00
C SER A 247 24.41 14.86 -9.60
N HIS A 248 25.08 14.67 -8.46
CA HIS A 248 26.09 15.61 -7.97
C HIS A 248 27.43 14.94 -7.75
N GLU A 249 27.77 13.97 -8.61
CA GLU A 249 29.04 13.28 -8.50
C GLU A 249 30.21 14.26 -8.42
N SER A 250 30.12 15.35 -9.18
CA SER A 250 31.21 16.31 -9.32
C SER A 250 31.01 17.55 -8.47
N SER A 251 29.98 17.57 -7.62
CA SER A 251 29.74 18.66 -6.69
C SER A 251 30.20 18.27 -5.30
N LEU A 252 30.55 19.29 -4.51
CA LEU A 252 30.92 19.09 -3.12
C LEU A 252 29.72 19.23 -2.19
N ILE A 253 28.91 20.27 -2.40
CA ILE A 253 27.70 20.46 -1.61
C ILE A 253 26.59 19.57 -2.16
N LEU A 254 25.90 18.84 -1.25
CA LEU A 254 24.66 18.18 -1.63
C LEU A 254 23.49 19.04 -1.22
N PRO A 255 22.58 19.39 -2.13
CA PRO A 255 21.34 20.06 -1.73
C PRO A 255 20.57 19.21 -0.73
N PRO A 256 19.90 19.83 0.23
CA PRO A 256 19.05 19.05 1.14
C PRO A 256 17.79 18.59 0.46
N ILE A 257 17.12 17.66 1.12
CA ILE A 257 15.77 17.28 0.77
C ILE A 257 14.82 18.05 1.67
N LYS A 258 13.83 18.71 1.08
CA LYS A 258 12.92 19.57 1.83
C LYS A 258 11.56 18.92 1.93
N VAL A 259 10.93 19.05 3.10
CA VAL A 259 9.59 18.51 3.32
C VAL A 259 8.74 19.61 3.90
N MET A 260 7.55 19.83 3.31
CA MET A 260 6.54 20.71 3.86
C MET A 260 5.36 19.84 4.29
N VAL A 261 4.92 19.99 5.54
CA VAL A 261 3.72 19.32 6.02
C VAL A 261 2.65 20.39 6.19
N ALA A 262 1.55 20.29 5.43
CA ALA A 262 0.47 21.27 5.47
C ALA A 262 -0.84 20.60 5.91
N LEU A 263 -1.60 21.30 6.75
CA LEU A 263 -2.89 20.79 7.23
C LEU A 263 -3.97 21.77 6.84
N GLY A 264 -4.89 21.35 5.97
CA GLY A 264 -6.04 22.14 5.61
C GLY A 264 -7.34 21.61 6.18
N GLU A 265 -8.46 22.15 5.68
CA GLU A 265 -9.77 21.71 6.17
C GLU A 265 -10.09 20.28 5.75
N GLU A 266 -9.60 19.86 4.59
CA GLU A 266 -9.89 18.53 4.08
C GLU A 266 -8.64 17.69 3.81
N ASP A 267 -7.54 18.31 3.37
CA ASP A 267 -6.32 17.58 3.06
C ASP A 267 -5.27 17.77 4.15
N LEU A 268 -4.52 16.72 4.40
CA LEU A 268 -3.21 16.83 5.01
C LEU A 268 -2.21 16.45 3.93
N SER A 269 -1.36 17.40 3.52
CA SER A 269 -0.45 17.17 2.41
C SER A 269 0.99 17.20 2.90
N ILE A 270 1.80 16.28 2.36
CA ILE A 270 3.23 16.20 2.67
C ILE A 270 3.97 16.28 1.34
N LYS A 271 4.66 17.39 1.09
CA LYS A 271 5.43 17.56 -0.12
C LYS A 271 6.91 17.32 0.19
N MET A 272 7.54 16.45 -0.59
CA MET A 272 8.98 16.26 -0.54
C MET A 272 9.61 16.79 -1.82
N SER A 273 10.77 17.45 -1.71
CA SER A 273 11.40 18.12 -2.85
C SER A 273 12.88 17.78 -2.92
N ASP A 274 13.36 17.42 -4.11
CA ASP A 274 14.79 17.19 -4.27
C ASP A 274 15.32 18.04 -5.42
N ARG A 275 16.64 18.17 -5.46
CA ARG A 275 17.31 18.79 -6.60
C ARG A 275 18.20 17.75 -7.25
N GLY A 276 17.62 16.60 -7.59
CA GLY A 276 18.40 15.49 -8.11
C GLY A 276 18.38 15.32 -9.62
N GLY A 277 18.10 16.39 -10.37
CA GLY A 277 18.20 16.36 -11.80
C GLY A 277 16.88 16.14 -12.54
N GLY A 278 15.88 15.54 -11.90
CA GLY A 278 14.57 15.44 -12.51
C GLY A 278 14.50 14.34 -13.55
N VAL A 279 13.35 14.28 -14.23
CA VAL A 279 13.05 13.24 -15.22
C VAL A 279 12.02 13.80 -16.18
N PRO A 280 12.12 13.50 -17.48
CA PRO A 280 11.17 14.08 -18.44
C PRO A 280 9.75 13.60 -18.19
N LEU A 281 8.79 14.49 -18.46
CA LEU A 281 7.38 14.19 -18.21
C LEU A 281 6.94 12.90 -18.91
N ARG A 282 7.43 12.66 -20.13
CA ARG A 282 7.03 11.48 -20.88
C ARG A 282 7.38 10.18 -20.14
N LYS A 283 8.40 10.20 -19.31
CA LYS A 283 8.85 8.97 -18.66
C LYS A 283 8.33 8.78 -17.25
N ILE A 284 7.87 9.83 -16.58
CA ILE A 284 7.76 9.74 -15.11
C ILE A 284 6.73 8.69 -14.69
N GLU A 285 5.65 8.49 -15.46
CA GLU A 285 4.64 7.52 -15.03
C GLU A 285 5.12 6.08 -15.06
N ARG A 286 6.20 5.78 -15.80
CA ARG A 286 6.78 4.44 -15.78
C ARG A 286 7.16 4.02 -14.37
N LEU A 287 7.44 4.98 -13.49
CA LEU A 287 7.79 4.66 -12.11
C LEU A 287 6.64 3.99 -11.36
N PHE A 288 5.40 4.11 -11.84
CA PHE A 288 4.28 3.45 -11.18
C PHE A 288 3.81 2.22 -11.92
N SER A 289 4.52 1.81 -12.96
CA SER A 289 4.13 0.67 -13.78
C SER A 289 4.78 -0.60 -13.25
N TYR A 290 3.96 -1.62 -12.99
CA TYR A 290 4.49 -2.92 -12.56
C TYR A 290 5.41 -3.51 -13.61
N MET A 291 5.08 -3.36 -14.89
CA MET A 291 5.92 -3.98 -15.92
C MET A 291 7.26 -3.26 -16.09
N TYR A 292 7.32 -1.95 -15.87
CA TYR A 292 8.62 -1.26 -15.94
C TYR A 292 9.50 -1.72 -14.80
N SER A 293 8.94 -1.71 -13.59
CA SER A 293 9.52 -2.01 -12.30
C SER A 293 10.02 -3.44 -12.16
N THR A 294 9.94 -4.27 -13.20
CA THR A 294 10.44 -5.63 -13.14
C THR A 294 11.45 -5.83 -14.26
N ALA A 295 12.56 -6.50 -13.95
CA ALA A 295 13.59 -6.81 -14.93
C ALA A 295 14.45 -7.98 -14.44
N PRO A 306 21.91 -2.89 -3.77
N PRO A 306 21.98 -2.99 -3.22
CA PRO A 306 22.09 -1.58 -3.14
CA PRO A 306 21.95 -1.55 -3.02
C PRO A 306 20.88 -1.23 -2.28
C PRO A 306 20.71 -1.12 -2.27
N LEU A 307 20.12 -0.21 -2.72
N LEU A 307 20.00 -0.15 -2.85
CA LEU A 307 18.87 0.17 -2.11
CA LEU A 307 18.66 0.21 -2.40
C LEU A 307 17.67 -0.51 -2.76
C LEU A 307 17.65 -0.56 -3.24
N ALA A 308 17.90 -1.43 -3.71
N ALA A 308 16.78 0.14 -4.00
CA ALA A 308 16.82 -1.97 -4.53
CA ALA A 308 15.80 -0.54 -4.86
C ALA A 308 15.76 -2.66 -3.66
C ALA A 308 15.56 0.31 -6.12
N GLY A 309 16.18 -3.56 -2.78
N GLY A 309 16.52 0.25 -7.04
CA GLY A 309 15.20 -4.36 -2.07
CA GLY A 309 16.30 0.80 -8.37
C GLY A 309 14.92 -3.94 -0.64
C GLY A 309 15.21 0.07 -9.11
N PHE A 310 14.93 -2.65 -0.34
N PHE A 310 15.15 -1.26 -8.97
CA PHE A 310 14.70 -2.25 1.05
CA PHE A 310 14.07 -2.07 -9.51
C PHE A 310 13.27 -1.79 1.34
C PHE A 310 13.26 -2.65 -8.36
N GLY A 311 12.57 -1.21 0.37
N GLY A 311 11.94 -2.41 -8.38
CA GLY A 311 11.22 -0.72 0.57
CA GLY A 311 11.06 -2.93 -7.36
C GLY A 311 10.19 -1.49 -0.25
C GLY A 311 9.71 -2.25 -7.38
N TYR A 312 8.93 -1.07 -0.07
N TYR A 312 8.70 -2.86 -6.74
CA TYR A 312 7.81 -1.71 -0.76
CA TYR A 312 7.33 -2.35 -6.73
C TYR A 312 7.72 -1.33 -2.24
C TYR A 312 7.09 -1.34 -5.63
N GLY A 313 8.38 -0.25 -2.65
N GLY A 313 8.16 -0.79 -5.05
CA GLY A 313 8.29 0.18 -4.03
CA GLY A 313 8.03 0.12 -3.93
C GLY A 313 7.28 1.31 -4.23
C GLY A 313 7.17 1.34 -4.23
N LEU A 314 7.44 2.01 -5.35
CA LEU A 314 6.58 3.16 -5.69
C LEU A 314 5.15 2.77 -6.03
N PRO A 315 4.88 1.76 -6.88
CA PRO A 315 3.46 1.38 -7.11
C PRO A 315 2.70 1.11 -5.82
N ILE A 316 3.27 0.29 -4.92
CA ILE A 316 2.59 -0.06 -3.69
C ILE A 316 2.49 1.14 -2.75
N SER A 317 3.53 1.99 -2.71
CA SER A 317 3.44 3.22 -1.93
C SER A 317 2.22 4.04 -2.33
N ARG A 318 1.96 4.17 -3.63
CA ARG A 318 0.79 4.94 -4.03
C ARG A 318 -0.51 4.25 -3.61
N LEU A 319 -0.54 2.91 -3.59
CA LEU A 319 -1.73 2.21 -3.14
C LEU A 319 -1.96 2.43 -1.65
N TYR A 320 -0.90 2.43 -0.84
CA TYR A 320 -1.06 2.78 0.58
C TYR A 320 -1.74 4.14 0.72
N ALA A 321 -1.31 5.13 -0.07
CA ALA A 321 -1.95 6.45 -0.04
C ALA A 321 -3.41 6.38 -0.46
N LYS A 322 -3.71 5.62 -1.52
CA LYS A 322 -5.09 5.55 -2.00
C LYS A 322 -5.99 4.75 -1.06
N TYR A 323 -5.43 3.88 -0.21
CA TYR A 323 -6.23 2.94 0.59
C TYR A 323 -7.28 3.65 1.48
N PHE A 324 -6.93 4.80 2.06
CA PHE A 324 -7.88 5.62 2.82
C PHE A 324 -8.21 6.94 2.10
N GLN A 325 -8.41 6.87 0.78
CA GLN A 325 -8.92 7.95 -0.06
C GLN A 325 -7.89 9.06 -0.29
N GLY A 326 -6.60 8.77 -0.14
CA GLY A 326 -5.54 9.70 -0.42
C GLY A 326 -4.93 9.48 -1.80
N ASP A 327 -3.74 10.05 -2.00
CA ASP A 327 -3.06 9.89 -3.29
C ASP A 327 -1.59 10.21 -3.09
N LEU A 328 -0.80 9.83 -4.09
CA LEU A 328 0.64 10.07 -4.09
C LEU A 328 1.00 10.48 -5.52
N GLN A 329 1.45 11.71 -5.70
CA GLN A 329 1.72 12.24 -7.02
C GLN A 329 3.17 12.71 -7.13
N LEU A 330 3.75 12.50 -8.31
CA LEU A 330 5.08 13.01 -8.62
C LEU A 330 5.00 14.12 -9.64
N PHE A 331 5.87 15.11 -9.50
N PHE A 331 5.85 15.13 -9.52
CA PHE A 331 6.00 16.24 -10.42
CA PHE A 331 6.00 16.05 -10.62
C PHE A 331 7.48 16.55 -10.54
C PHE A 331 7.40 16.62 -10.60
N SER A 332 8.02 16.59 -11.76
CA SER A 332 9.43 16.79 -11.93
C SER A 332 9.69 17.95 -12.87
N MET A 333 10.92 18.46 -12.81
CA MET A 333 11.42 19.44 -13.76
C MET A 333 12.74 18.90 -14.28
N GLU A 334 12.73 18.34 -15.48
CA GLU A 334 13.93 17.74 -16.02
C GLU A 334 15.05 18.77 -16.02
N GLY A 335 16.22 18.37 -15.55
CA GLY A 335 17.35 19.26 -15.39
C GLY A 335 17.44 19.95 -14.04
N PHE A 336 16.44 19.79 -13.17
CA PHE A 336 16.49 20.48 -11.88
C PHE A 336 16.20 19.52 -10.74
N GLY A 337 14.97 19.04 -10.63
CA GLY A 337 14.63 18.15 -9.53
C GLY A 337 13.19 17.67 -9.62
N THR A 338 12.76 17.04 -8.53
CA THR A 338 11.49 16.33 -8.46
C THR A 338 10.79 16.61 -7.14
N ASP A 339 9.47 16.78 -7.20
CA ASP A 339 8.62 16.85 -6.00
C ASP A 339 7.71 15.63 -5.95
N ALA A 340 7.39 15.22 -4.74
CA ALA A 340 6.39 14.22 -4.48
C ALA A 340 5.44 14.79 -3.45
N VAL A 341 4.14 14.54 -3.62
CA VAL A 341 3.15 14.98 -2.64
C VAL A 341 2.33 13.77 -2.22
N ILE A 342 2.31 13.49 -0.93
CA ILE A 342 1.36 12.55 -0.34
C ILE A 342 0.15 13.34 0.11
N TYR A 343 -1.04 12.96 -0.37
CA TYR A 343 -2.29 13.60 0.02
C TYR A 343 -3.07 12.63 0.89
N LEU A 344 -3.45 13.08 2.09
CA LEU A 344 -4.21 12.27 3.04
C LEU A 344 -5.46 13.03 3.47
N LYS A 345 -6.51 12.28 3.81
CA LYS A 345 -7.70 12.93 4.36
C LYS A 345 -7.38 13.47 5.75
N ALA A 346 -7.72 14.73 5.98
CA ALA A 346 -7.49 15.35 7.29
C ALA A 346 -8.46 14.84 8.36
N LEU A 347 -9.66 14.45 7.98
CA LEU A 347 -10.72 14.04 8.92
C LEU A 347 -10.87 12.52 8.96
N SER A 348 -10.90 11.96 10.18
CA SER A 348 -11.02 10.52 10.33
C SER A 348 -12.34 9.98 9.77
N THR A 349 -13.36 10.82 9.64
CA THR A 349 -14.60 10.36 9.05
C THR A 349 -14.51 10.25 7.53
N ASP A 350 -13.62 11.03 6.90
CA ASP A 350 -13.38 10.92 5.46
C ASP A 350 -12.38 9.83 5.11
N SER A 351 -11.64 9.28 6.08
CA SER A 351 -10.61 8.27 5.82
C SER A 351 -11.29 6.90 5.79
N VAL A 352 -11.71 6.49 4.60
CA VAL A 352 -12.48 5.25 4.43
C VAL A 352 -11.74 4.34 3.48
N GLU A 353 -11.78 3.03 3.76
CA GLU A 353 -11.15 2.04 2.90
C GLU A 353 -11.58 2.19 1.44
N ARG A 354 -10.62 2.16 0.53
CA ARG A 354 -10.89 2.08 -0.90
C ARG A 354 -10.72 0.62 -1.33
N LEU A 355 -11.83 -0.06 -1.56
CA LEU A 355 -11.83 -1.50 -1.84
C LEU A 355 -12.31 -1.81 -3.26
N PRO A 356 -11.62 -2.69 -3.97
CA PRO A 356 -12.18 -3.21 -5.23
C PRO A 356 -13.36 -4.12 -4.96
N VAL A 357 -14.29 -4.19 -5.93
CA VAL A 357 -15.40 -5.15 -5.89
C VAL A 357 -15.50 -5.83 -7.24
N TYR A 358 -15.86 -7.12 -7.21
CA TYR A 358 -16.09 -7.89 -8.43
C TYR A 358 -17.56 -7.83 -8.84
N ASN A 359 -17.81 -7.37 -10.07
CA ASN A 359 -19.14 -7.40 -10.69
C ASN A 359 -18.95 -7.34 -12.21
N LYS A 360 -20.01 -6.99 -12.93
CA LYS A 360 -19.90 -6.81 -14.38
C LYS A 360 -19.25 -5.49 -14.77
N SER A 361 -19.25 -4.50 -13.87
CA SER A 361 -18.52 -3.27 -14.12
C SER A 361 -17.02 -3.52 -14.21
N ALA A 362 -16.49 -4.40 -13.35
CA ALA A 362 -15.10 -4.85 -13.46
C ALA A 362 -14.92 -5.89 -14.56
N TRP A 363 -15.98 -6.63 -14.93
CA TRP A 363 -15.86 -7.70 -15.91
C TRP A 363 -15.47 -7.19 -17.29
N ARG A 364 -15.94 -6.00 -17.68
CA ARG A 364 -15.71 -5.50 -19.04
C ARG A 364 -14.38 -4.77 -19.19
N HIS A 365 -13.76 -4.37 -18.08
CA HIS A 365 -12.42 -3.80 -18.14
C HIS A 365 -11.43 -4.78 -18.75
N TYR A 366 -11.56 -6.06 -18.39
CA TYR A 366 -10.65 -7.09 -18.91
C TYR A 366 -10.90 -7.34 -20.40
N GLN A 367 -12.12 -7.14 -20.86
CA GLN A 367 -12.45 -7.33 -22.26
C GLN A 367 -11.81 -6.27 -23.16
N GLY A 373 -6.92 5.19 -31.13
CA GLY A 373 -6.52 5.78 -32.40
C GLY A 373 -7.42 6.91 -32.90
N ASP A 374 -7.72 7.87 -32.02
CA ASP A 374 -8.58 9.01 -32.36
C ASP A 374 -7.80 10.33 -32.46
N TRP A 375 -6.48 10.29 -32.34
CA TRP A 375 -5.63 11.45 -32.59
C TRP A 375 -4.72 11.19 -33.78
N CYS A 376 -4.21 12.28 -34.37
CA CYS A 376 -3.45 12.18 -35.61
C CYS A 376 -1.99 11.84 -35.35
N VAL A 377 -1.37 11.20 -36.34
CA VAL A 377 0.06 10.95 -36.33
C VAL A 377 0.63 11.48 -37.65
N PRO A 378 1.87 11.99 -37.69
CA PRO A 378 2.45 12.58 -38.90
C PRO A 378 2.51 11.64 -40.13
#